data_5W3Q
#
_entry.id   5W3Q
#
_cell.length_a   34.337
_cell.length_b   45.166
_cell.length_c   97.770
_cell.angle_alpha   90.00
_cell.angle_beta   90.00
_cell.angle_gamma   90.00
#
_symmetry.space_group_name_H-M   'P 21 21 21'
#
loop_
_entity.id
_entity.type
_entity.pdbx_description
1 polymer 'Dihydrofolate reductase'
2 non-polymer 'NADPH DIHYDRO-NICOTINAMIDE-ADENINE-DINUCLEOTIDE PHOSPHATE'
3 non-polymer 'CALCIUM ION'
4 water water
#
_entity_poly.entity_id   1
_entity_poly.type   'polypeptide(L)'
_entity_poly.pdbx_seq_one_letter_code
;MISLIAALAVDRVIGMENAMPWNLPADFAWFKRNTLNKPVIMGRHTWESIGRPLPGRKNIILSSQPGTDDRVTWVKSVDE
AIAACGDVPEIMVIGGGRVYEQFLPKAQKLYLTHIDAEVEGDTHFPDYEPDDWESVFSEFHDADAQNSHSYCFEILERR
;
_entity_poly.pdbx_strand_id   A
#
# COMPACT_ATOMS: atom_id res chain seq x y z
N MET A 1 3.70 8.50 12.64
N MET A 1 4.00 8.47 12.55
CA MET A 1 3.69 8.90 11.20
CA MET A 1 3.75 8.92 11.15
C MET A 1 3.01 7.88 10.31
C MET A 1 2.92 7.89 10.40
N ILE A 2 2.17 8.35 9.41
CA ILE A 2 1.41 7.50 8.51
C ILE A 2 2.06 7.52 7.15
N SER A 3 2.26 6.33 6.59
CA SER A 3 2.83 6.17 5.26
C SER A 3 1.91 5.30 4.42
N LEU A 4 1.88 5.57 3.11
N LEU A 4 1.85 5.60 3.13
CA LEU A 4 1.22 4.73 2.15
CA LEU A 4 1.24 4.72 2.16
C LEU A 4 2.27 4.00 1.33
C LEU A 4 2.34 3.95 1.45
N ILE A 5 2.04 2.71 1.08
CA ILE A 5 2.91 1.93 0.21
C ILE A 5 2.05 1.30 -0.86
N ALA A 6 2.44 1.47 -2.12
CA ALA A 6 1.66 1.03 -3.27
C ALA A 6 2.56 0.79 -4.47
N ALA A 7 2.09 -0.09 -5.37
CA ALA A 7 2.72 -0.32 -6.66
C ALA A 7 1.76 0.14 -7.76
N LEU A 8 2.26 1.01 -8.63
CA LEU A 8 1.46 1.70 -9.63
C LEU A 8 1.99 1.36 -11.01
N ALA A 9 1.11 0.92 -11.89
CA ALA A 9 1.47 0.72 -13.28
C ALA A 9 1.13 1.99 -14.05
N VAL A 10 1.15 1.92 -15.39
CA VAL A 10 0.84 3.08 -16.19
C VAL A 10 -0.51 3.62 -15.80
N ASP A 11 -0.59 4.95 -15.77
CA ASP A 11 -1.82 5.68 -15.50
C ASP A 11 -2.32 5.43 -14.09
N ARG A 12 -1.40 5.08 -13.18
CA ARG A 12 -1.70 4.90 -11.76
C ARG A 12 -2.57 3.69 -11.47
N VAL A 13 -2.67 2.74 -12.41
CA VAL A 13 -3.43 1.53 -12.15
C VAL A 13 -2.79 0.73 -11.02
N ILE A 14 -3.60 0.32 -10.06
CA ILE A 14 -3.15 -0.52 -8.96
C ILE A 14 -3.82 -1.87 -8.88
N GLY A 15 -4.94 -2.10 -9.57
CA GLY A 15 -5.62 -3.36 -9.38
C GLY A 15 -6.62 -3.64 -10.48
N MET A 16 -6.92 -4.94 -10.63
N MET A 16 -6.96 -4.92 -10.60
CA MET A 16 -7.95 -5.41 -11.54
CA MET A 16 -7.96 -5.40 -11.55
C MET A 16 -8.58 -6.65 -10.94
C MET A 16 -8.58 -6.66 -10.96
N GLU A 17 -9.90 -6.64 -10.76
CA GLU A 17 -10.65 -7.79 -10.26
C GLU A 17 -9.97 -8.39 -9.03
N ASN A 18 -9.61 -7.51 -8.10
CA ASN A 18 -9.08 -7.86 -6.78
C ASN A 18 -7.71 -8.52 -6.82
N ALA A 19 -6.92 -8.21 -7.85
CA ALA A 19 -5.56 -8.69 -7.94
C ALA A 19 -4.68 -7.57 -8.48
N MET A 20 -3.36 -7.78 -8.42
CA MET A 20 -2.39 -6.87 -9.01
C MET A 20 -1.95 -7.48 -10.33
N PRO A 21 -2.29 -6.87 -11.48
CA PRO A 21 -2.13 -7.53 -12.79
C PRO A 21 -0.71 -7.44 -13.36
N TRP A 22 0.27 -7.93 -12.59
CA TRP A 22 1.65 -7.98 -13.07
C TRP A 22 2.45 -8.93 -12.20
N ASN A 23 3.63 -9.30 -12.67
CA ASN A 23 4.51 -10.26 -11.99
C ASN A 23 5.82 -9.54 -11.69
N LEU A 24 6.09 -9.28 -10.41
CA LEU A 24 7.25 -8.47 -10.01
C LEU A 24 7.74 -8.89 -8.62
N PRO A 25 8.49 -10.00 -8.54
CA PRO A 25 9.03 -10.41 -7.24
C PRO A 25 9.90 -9.37 -6.55
N ALA A 26 10.57 -8.50 -7.31
CA ALA A 26 11.37 -7.47 -6.66
C ALA A 26 10.52 -6.56 -5.80
N ASP A 27 9.25 -6.37 -6.18
CA ASP A 27 8.36 -5.54 -5.37
C ASP A 27 7.95 -6.24 -4.10
N PHE A 28 7.80 -7.56 -4.11
CA PHE A 28 7.49 -8.27 -2.87
CA PHE A 28 7.50 -8.27 -2.88
C PHE A 28 8.59 -8.07 -1.84
N ALA A 29 9.85 -8.06 -2.28
CA ALA A 29 10.95 -7.86 -1.34
C ALA A 29 10.95 -6.45 -0.78
N TRP A 30 10.66 -5.47 -1.63
CA TRP A 30 10.55 -4.09 -1.20
C TRP A 30 9.40 -3.89 -0.23
N PHE A 31 8.25 -4.45 -0.56
CA PHE A 31 7.08 -4.35 0.32
C PHE A 31 7.38 -4.96 1.69
N LYS A 32 7.93 -6.18 1.72
CA LYS A 32 8.18 -6.83 3.00
C LYS A 32 9.18 -6.03 3.82
N ARG A 33 10.28 -5.58 3.20
CA ARG A 33 11.30 -4.88 3.96
C ARG A 33 10.74 -3.60 4.58
N ASN A 34 9.85 -2.91 3.88
CA ASN A 34 9.36 -1.62 4.36
C ASN A 34 8.13 -1.73 5.22
N THR A 35 7.51 -2.91 5.34
CA THR A 35 6.37 -3.07 6.22
C THR A 35 6.62 -3.98 7.43
N LEU A 36 7.63 -4.84 7.40
CA LEU A 36 7.79 -5.77 8.50
C LEU A 36 7.97 -5.02 9.83
N ASN A 37 7.37 -5.57 10.87
CA ASN A 37 7.49 -5.03 12.22
C ASN A 37 6.82 -3.67 12.36
N LYS A 38 5.85 -3.40 11.50
CA LYS A 38 5.03 -2.20 11.57
C LYS A 38 3.58 -2.62 11.43
N PRO A 39 2.65 -1.89 12.04
CA PRO A 39 1.23 -2.17 11.77
C PRO A 39 0.85 -1.81 10.34
N VAL A 40 -0.02 -2.62 9.77
CA VAL A 40 -0.53 -2.43 8.42
C VAL A 40 -2.05 -2.26 8.48
N ILE A 41 -2.54 -1.23 7.80
CA ILE A 41 -3.97 -0.95 7.67
C ILE A 41 -4.38 -1.24 6.23
N MET A 42 -5.46 -2.00 6.06
CA MET A 42 -5.98 -2.30 4.72
C MET A 42 -7.50 -2.32 4.74
N GLY A 43 -8.09 -2.08 3.55
CA GLY A 43 -9.51 -2.24 3.39
C GLY A 43 -9.94 -3.70 3.28
N ARG A 44 -11.25 -3.90 3.41
CA ARG A 44 -11.79 -5.27 3.42
C ARG A 44 -11.48 -6.00 2.12
N HIS A 45 -11.57 -5.32 0.96
CA HIS A 45 -11.34 -6.05 -0.28
C HIS A 45 -9.90 -6.52 -0.37
N THR A 46 -8.96 -5.67 0.06
CA THR A 46 -7.56 -6.07 0.07
C THR A 46 -7.34 -7.23 1.04
N TRP A 47 -7.95 -7.16 2.22
CA TRP A 47 -7.90 -8.27 3.16
C TRP A 47 -8.39 -9.55 2.52
N GLU A 48 -9.54 -9.50 1.83
CA GLU A 48 -10.07 -10.73 1.24
C GLU A 48 -9.15 -11.28 0.17
N SER A 49 -8.39 -10.41 -0.50
N SER A 49 -8.39 -10.41 -0.49
CA SER A 49 -7.48 -10.86 -1.53
CA SER A 49 -7.47 -10.83 -1.53
C SER A 49 -6.24 -11.55 -0.99
C SER A 49 -6.25 -11.56 -0.98
N ILE A 50 -5.88 -11.34 0.27
CA ILE A 50 -4.68 -11.98 0.84
C ILE A 50 -5.03 -13.26 1.61
N GLY A 51 -6.20 -13.28 2.24
CA GLY A 51 -6.76 -14.48 2.84
C GLY A 51 -6.17 -14.89 4.19
N ARG A 52 -4.97 -14.43 4.52
N ARG A 52 -4.97 -14.41 4.53
CA ARG A 52 -4.29 -14.80 5.76
CA ARG A 52 -4.25 -14.82 5.73
C ARG A 52 -3.49 -13.60 6.22
C ARG A 52 -3.49 -13.59 6.21
N PRO A 53 -3.35 -13.40 7.52
CA PRO A 53 -2.63 -12.22 8.00
C PRO A 53 -1.20 -12.18 7.48
N LEU A 54 -0.73 -10.98 7.17
CA LEU A 54 0.67 -10.79 6.87
C LEU A 54 1.47 -11.04 8.15
N PRO A 55 2.44 -11.95 8.13
CA PRO A 55 3.18 -12.25 9.36
C PRO A 55 4.08 -11.11 9.76
N GLY A 56 4.27 -10.98 11.06
CA GLY A 56 5.25 -10.04 11.57
C GLY A 56 4.78 -8.61 11.54
N ARG A 57 3.48 -8.40 11.36
CA ARG A 57 2.83 -7.10 11.28
C ARG A 57 1.50 -7.19 11.99
N LYS A 58 1.11 -6.15 12.70
CA LYS A 58 -0.25 -6.08 13.25
C LYS A 58 -1.20 -5.74 12.10
N ASN A 59 -2.16 -6.62 11.81
CA ASN A 59 -3.04 -6.43 10.66
C ASN A 59 -4.34 -5.77 11.12
N ILE A 60 -4.62 -4.58 10.59
CA ILE A 60 -5.83 -3.81 10.92
C ILE A 60 -6.67 -3.69 9.66
N ILE A 61 -7.93 -4.14 9.75
CA ILE A 61 -8.83 -4.19 8.60
C ILE A 61 -9.95 -3.19 8.82
N LEU A 62 -10.16 -2.31 7.85
CA LEU A 62 -11.30 -1.41 7.84
C LEU A 62 -12.52 -2.06 7.19
N SER A 63 -13.66 -1.98 7.88
CA SER A 63 -14.93 -2.45 7.35
C SER A 63 -16.02 -1.74 8.14
N SER A 64 -17.09 -1.35 7.47
CA SER A 64 -18.22 -0.77 8.17
C SER A 64 -19.00 -1.81 8.96
N GLN A 65 -18.79 -3.09 8.70
N GLN A 65 -18.80 -3.08 8.70
CA GLN A 65 -19.54 -4.19 9.27
CA GLN A 65 -19.58 -4.13 9.34
C GLN A 65 -18.73 -4.86 10.36
C GLN A 65 -18.73 -4.91 10.32
N PRO A 66 -19.36 -5.68 11.22
CA PRO A 66 -18.58 -6.42 12.20
C PRO A 66 -17.56 -7.34 11.55
N GLY A 67 -16.43 -7.53 12.23
CA GLY A 67 -15.40 -8.38 11.72
C GLY A 67 -15.82 -9.84 11.66
N THR A 68 -15.12 -10.60 10.82
CA THR A 68 -15.42 -12.01 10.58
C THR A 68 -14.16 -12.88 10.67
N ASP A 69 -13.16 -12.44 11.42
CA ASP A 69 -11.92 -13.21 11.55
C ASP A 69 -11.13 -12.67 12.73
N ASP A 70 -11.01 -13.45 13.81
CA ASP A 70 -10.34 -12.94 15.00
C ASP A 70 -8.82 -12.95 14.92
N ARG A 71 -8.22 -13.38 13.81
CA ARG A 71 -6.78 -13.32 13.65
C ARG A 71 -6.27 -11.92 13.34
N VAL A 72 -7.18 -10.98 13.04
CA VAL A 72 -6.84 -9.60 12.71
C VAL A 72 -7.72 -8.67 13.54
N THR A 73 -7.38 -7.38 13.51
CA THR A 73 -8.06 -6.34 14.29
C THR A 73 -8.96 -5.53 13.35
N TRP A 74 -10.24 -5.48 13.67
CA TRP A 74 -11.24 -4.86 12.80
C TRP A 74 -11.65 -3.52 13.38
N VAL A 75 -11.74 -2.52 12.49
CA VAL A 75 -12.09 -1.17 12.87
C VAL A 75 -13.07 -0.60 11.86
N LYS A 76 -13.82 0.44 12.28
CA LYS A 76 -14.93 0.95 11.49
C LYS A 76 -14.75 2.38 11.04
N SER A 77 -13.56 2.97 11.24
CA SER A 77 -13.32 4.33 10.78
C SER A 77 -11.82 4.55 10.69
N VAL A 78 -11.44 5.59 9.94
CA VAL A 78 -10.02 5.96 9.82
C VAL A 78 -9.42 6.27 11.19
N ASP A 79 -10.12 7.06 11.99
N ASP A 79 -10.11 7.09 11.99
CA ASP A 79 -9.54 7.44 13.27
CA ASP A 79 -9.60 7.46 13.31
C ASP A 79 -9.41 6.24 14.21
C ASP A 79 -9.38 6.22 14.16
N GLU A 80 -10.34 5.28 14.15
CA GLU A 80 -10.21 4.08 14.95
C GLU A 80 -9.03 3.24 14.46
N ALA A 81 -8.83 3.18 13.14
CA ALA A 81 -7.70 2.44 12.58
C ALA A 81 -6.38 2.97 13.10
N ILE A 82 -6.22 4.29 13.09
CA ILE A 82 -5.00 4.92 13.57
C ILE A 82 -4.82 4.65 15.06
N ALA A 83 -5.89 4.84 15.84
CA ALA A 83 -5.81 4.60 17.28
C ALA A 83 -5.39 3.16 17.59
N ALA A 84 -5.89 2.19 16.82
CA ALA A 84 -5.60 0.79 17.09
C ALA A 84 -4.13 0.46 16.90
N CYS A 85 -3.38 1.32 16.21
CA CYS A 85 -1.95 1.13 16.03
C CYS A 85 -1.13 1.53 17.26
N GLY A 86 -1.71 2.33 18.14
CA GLY A 86 -0.97 2.78 19.30
C GLY A 86 0.14 3.74 18.90
N ASP A 87 1.12 3.84 19.81
CA ASP A 87 2.23 4.78 19.68
C ASP A 87 3.39 4.03 19.04
N VAL A 88 3.42 4.04 17.72
CA VAL A 88 4.48 3.38 16.96
C VAL A 88 5.15 4.44 16.09
N PRO A 89 6.38 4.20 15.66
CA PRO A 89 7.05 5.19 14.82
C PRO A 89 6.40 5.37 13.45
N GLU A 90 5.81 4.33 12.89
CA GLU A 90 5.35 4.39 11.51
C GLU A 90 4.22 3.40 11.29
N ILE A 91 3.10 3.90 10.77
CA ILE A 91 1.95 3.11 10.38
C ILE A 91 1.97 2.97 8.88
N MET A 92 1.76 1.75 8.37
CA MET A 92 1.79 1.49 6.93
C MET A 92 0.37 1.20 6.42
N VAL A 93 -0.07 2.02 5.47
CA VAL A 93 -1.37 1.83 4.82
C VAL A 93 -1.10 1.12 3.51
N ILE A 94 -1.66 -0.09 3.35
CA ILE A 94 -1.26 -0.99 2.28
C ILE A 94 -2.34 -1.19 1.22
N GLY A 95 -3.43 -0.43 1.26
CA GLY A 95 -4.43 -0.44 0.20
C GLY A 95 -5.81 -0.81 0.71
N GLY A 96 -6.79 -0.79 -0.20
CA GLY A 96 -6.62 -0.56 -1.64
C GLY A 96 -6.98 0.86 -2.01
N GLY A 97 -7.57 1.02 -3.20
CA GLY A 97 -7.80 2.36 -3.72
C GLY A 97 -8.57 3.26 -2.78
N ARG A 98 -9.68 2.76 -2.24
CA ARG A 98 -10.54 3.60 -1.41
C ARG A 98 -9.87 3.95 -0.09
N VAL A 99 -9.10 3.02 0.47
CA VAL A 99 -8.34 3.31 1.68
C VAL A 99 -7.22 4.31 1.42
N TYR A 100 -6.48 4.12 0.33
CA TYR A 100 -5.42 5.08 -0.01
C TYR A 100 -5.96 6.49 -0.10
N GLU A 101 -7.12 6.65 -0.75
CA GLU A 101 -7.69 7.99 -0.91
C GLU A 101 -7.94 8.67 0.43
N GLN A 102 -8.43 7.90 1.40
CA GLN A 102 -8.78 8.51 2.68
C GLN A 102 -7.57 8.78 3.55
N PHE A 103 -6.52 7.98 3.45
CA PHE A 103 -5.33 8.21 4.25
C PHE A 103 -4.33 9.17 3.62
N LEU A 104 -4.40 9.39 2.31
CA LEU A 104 -3.43 10.28 1.67
C LEU A 104 -3.33 11.64 2.35
N PRO A 105 -4.41 12.35 2.67
CA PRO A 105 -4.25 13.66 3.34
C PRO A 105 -3.62 13.59 4.73
N LYS A 106 -3.61 12.43 5.37
CA LYS A 106 -2.99 12.27 6.67
C LYS A 106 -1.57 11.73 6.58
N ALA A 107 -1.12 11.34 5.40
CA ALA A 107 0.16 10.68 5.29
C ALA A 107 1.29 11.68 5.18
N GLN A 108 2.44 11.28 5.70
CA GLN A 108 3.65 12.08 5.59
C GLN A 108 4.67 11.45 4.65
N LYS A 109 4.45 10.21 4.20
CA LYS A 109 5.42 9.51 3.39
C LYS A 109 4.67 8.60 2.43
N LEU A 110 5.18 8.51 1.19
CA LEU A 110 4.70 7.56 0.19
C LEU A 110 5.86 6.68 -0.26
N TYR A 111 5.64 5.38 -0.27
CA TYR A 111 6.56 4.40 -0.83
C TYR A 111 5.89 3.88 -2.09
N LEU A 112 6.43 4.24 -3.25
CA LEU A 112 5.81 3.92 -4.53
C LEU A 112 6.73 3.06 -5.37
N THR A 113 6.17 2.04 -5.98
CA THR A 113 6.87 1.29 -7.00
C THR A 113 6.20 1.62 -8.32
N HIS A 114 6.95 2.27 -9.21
CA HIS A 114 6.43 2.67 -10.52
C HIS A 114 6.82 1.61 -11.51
N ILE A 115 5.84 0.87 -12.01
CA ILE A 115 6.06 -0.29 -12.84
C ILE A 115 5.74 0.08 -14.27
N ASP A 116 6.67 -0.20 -15.18
CA ASP A 116 6.48 0.10 -16.60
C ASP A 116 5.70 -1.05 -17.26
N ALA A 117 4.41 -1.09 -16.94
CA ALA A 117 3.48 -2.10 -17.44
C ALA A 117 2.21 -1.40 -17.88
N GLU A 118 1.73 -1.78 -19.06
CA GLU A 118 0.46 -1.28 -19.57
C GLU A 118 -0.58 -2.29 -19.16
N VAL A 119 -1.45 -1.93 -18.25
CA VAL A 119 -2.43 -2.87 -17.75
C VAL A 119 -3.78 -2.20 -17.63
N GLU A 120 -4.80 -2.91 -18.03
CA GLU A 120 -6.15 -2.48 -17.75
C GLU A 120 -6.43 -2.71 -16.27
N GLY A 121 -7.13 -1.77 -15.65
CA GLY A 121 -7.41 -1.88 -14.24
C GLY A 121 -8.77 -1.30 -13.95
N ASP A 122 -9.26 -1.64 -12.76
CA ASP A 122 -10.50 -1.08 -12.23
C ASP A 122 -10.26 -0.31 -10.94
N THR A 123 -9.00 -0.07 -10.60
CA THR A 123 -8.62 0.59 -9.35
C THR A 123 -7.35 1.38 -9.64
N HIS A 124 -7.31 2.64 -9.18
CA HIS A 124 -6.20 3.54 -9.38
C HIS A 124 -5.77 4.17 -8.06
N PHE A 125 -4.48 4.47 -7.95
CA PHE A 125 -3.96 5.25 -6.83
C PHE A 125 -4.52 6.67 -6.91
N PRO A 126 -4.71 7.35 -5.79
CA PRO A 126 -5.22 8.72 -5.85
C PRO A 126 -4.31 9.65 -6.63
N ASP A 127 -4.93 10.69 -7.17
CA ASP A 127 -4.26 11.74 -7.94
C ASP A 127 -3.59 12.75 -7.00
N TYR A 128 -2.42 12.38 -6.48
CA TYR A 128 -1.73 13.25 -5.53
C TYR A 128 -1.16 14.50 -6.20
N GLU A 129 -1.07 15.58 -5.42
CA GLU A 129 -0.50 16.85 -5.88
C GLU A 129 1.02 16.79 -5.81
N PRO A 130 1.73 16.79 -6.95
CA PRO A 130 3.18 16.62 -6.88
C PRO A 130 3.89 17.70 -6.11
N ASP A 131 3.38 18.93 -6.10
CA ASP A 131 4.06 20.00 -5.39
C ASP A 131 4.08 19.77 -3.89
N ASP A 132 3.21 18.89 -3.37
CA ASP A 132 3.15 18.66 -1.93
C ASP A 132 4.22 17.69 -1.44
N TRP A 133 4.97 17.08 -2.35
CA TRP A 133 5.83 15.93 -2.03
C TRP A 133 7.24 16.16 -2.55
N GLU A 134 8.23 15.75 -1.77
CA GLU A 134 9.62 15.77 -2.19
C GLU A 134 10.10 14.34 -2.39
N SER A 135 10.69 14.07 -3.53
CA SER A 135 11.29 12.76 -3.76
C SER A 135 12.61 12.70 -3.02
N VAL A 136 12.72 11.76 -2.08
CA VAL A 136 13.94 11.61 -1.28
C VAL A 136 14.72 10.35 -1.59
N PHE A 137 14.18 9.46 -2.43
CA PHE A 137 14.83 8.23 -2.81
C PHE A 137 14.21 7.81 -4.13
N SER A 138 15.05 7.42 -5.10
N SER A 138 15.06 7.41 -5.09
CA SER A 138 14.53 6.95 -6.38
CA SER A 138 14.59 6.99 -6.41
C SER A 138 15.57 6.07 -7.03
C SER A 138 15.62 6.04 -6.99
N GLU A 139 15.21 4.81 -7.27
CA GLU A 139 16.12 3.82 -7.83
C GLU A 139 15.41 3.05 -8.92
N PHE A 140 15.94 3.16 -10.13
CA PHE A 140 15.39 2.52 -11.31
C PHE A 140 16.10 1.19 -11.58
N HIS A 141 15.31 0.18 -11.97
CA HIS A 141 15.81 -1.15 -12.28
C HIS A 141 15.27 -1.62 -13.62
N ASP A 142 16.14 -2.19 -14.46
CA ASP A 142 15.70 -2.82 -15.69
C ASP A 142 15.05 -4.16 -15.39
N ALA A 143 14.19 -4.61 -16.33
CA ALA A 143 13.63 -5.94 -16.27
C ALA A 143 14.75 -6.98 -16.30
N ASP A 144 14.48 -8.15 -15.74
CA ASP A 144 15.44 -9.25 -15.71
C ASP A 144 14.68 -10.56 -15.80
N ALA A 145 15.39 -11.67 -15.58
CA ALA A 145 14.78 -12.99 -15.73
C ALA A 145 13.63 -13.20 -14.76
N GLN A 146 13.66 -12.56 -13.61
CA GLN A 146 12.61 -12.72 -12.61
C GLN A 146 11.51 -11.67 -12.70
N ASN A 147 11.83 -10.47 -13.21
CA ASN A 147 10.92 -9.32 -13.24
C ASN A 147 10.68 -8.91 -14.69
N SER A 148 9.44 -9.03 -15.15
CA SER A 148 9.16 -8.85 -16.58
C SER A 148 8.93 -7.40 -16.99
N HIS A 149 9.13 -6.45 -16.10
CA HIS A 149 9.04 -5.04 -16.44
C HIS A 149 10.17 -4.32 -15.75
N SER A 150 10.56 -3.18 -16.30
CA SER A 150 11.36 -2.25 -15.54
C SER A 150 10.49 -1.59 -14.47
N TYR A 151 11.14 -1.07 -13.44
CA TYR A 151 10.40 -0.52 -12.29
C TYR A 151 11.32 0.44 -11.55
N CYS A 152 10.69 1.33 -10.78
N CYS A 152 10.68 1.36 -10.84
CA CYS A 152 11.44 2.33 -10.03
CA CYS A 152 11.39 2.33 -10.01
C CYS A 152 10.85 2.44 -8.64
C CYS A 152 10.80 2.26 -8.61
N PHE A 153 11.69 2.25 -7.62
CA PHE A 153 11.28 2.43 -6.24
C PHE A 153 11.48 3.90 -5.86
N GLU A 154 10.44 4.52 -5.32
CA GLU A 154 10.52 5.92 -4.94
C GLU A 154 9.94 6.13 -3.55
N ILE A 155 10.59 6.98 -2.77
CA ILE A 155 10.05 7.42 -1.49
C ILE A 155 9.87 8.93 -1.57
N LEU A 156 8.66 9.38 -1.27
N LEU A 156 8.68 9.39 -1.22
CA LEU A 156 8.29 10.79 -1.23
CA LEU A 156 8.37 10.80 -1.21
C LEU A 156 7.98 11.17 0.21
C LEU A 156 7.93 11.20 0.18
N GLU A 157 8.38 12.37 0.62
CA GLU A 157 8.06 12.91 1.92
C GLU A 157 7.28 14.20 1.76
N ARG A 158 6.26 14.38 2.59
CA ARG A 158 5.42 15.56 2.46
C ARG A 158 6.20 16.81 2.86
N ARG A 159 6.23 17.80 1.99
CA ARG A 159 7.01 19.00 2.26
C ARG A 159 6.45 19.76 3.44
#